data_5NRA
#
_entry.id   5NRA
#
_cell.length_a   85.451
_cell.length_b   105.579
_cell.length_c   42.137
_cell.angle_alpha   90.00
_cell.angle_beta   90.00
_cell.angle_gamma   90.00
#
_symmetry.space_group_name_H-M   'P 21 21 2'
#
loop_
_entity.id
_entity.type
_entity.pdbx_description
1 polymer Chitotriosidase-1
2 non-polymer 1-(5-azanyl-4~{H}-1,2,4-triazol-3-yl)-~{N}-[2-(4-bromophenyl)ethyl]-~{N}-(2-methylpropyl)piperidin-4-amine
3 non-polymer GLYCEROL
4 water water
#
_entity_poly.entity_id   1
_entity_poly.type   'polypeptide(L)'
_entity_poly.pdbx_seq_one_letter_code
;AKLVCYFTNWAQYRQGEARFLPKDLDPSLCTHLIYAFAGMTNHQLSTTEWNDETLYQEFNGLKKMNPKLKTLLAIGGWNF
GTQKFTDMVATANNRQTFVNSAIRFLRKYSFDGLDLDWEYPGSQGSPAVDKERFTTLVQDLANAFQQEAQTSGKERLLLS
AAVPAGQTYVDAGYEVDKIAQNLDFVNLMAYDFHGSWEKVTGHNSPLYKRQEESGAAASLNVDAAVQQWLQKGTPASKLI
LGMPTYGRSFTLASSSDTRVGAPATGSGTPGPFTKEGGMLAYYEVCSWKGATKQRIQDQKVPYIFRDNQWVGFDDVESFK
TKVSYLKQKGLGGAMVWALDLDDFAGFSCNQGRYPLIQTLRQELSLVPRGSHHHHHH
;
_entity_poly.pdbx_strand_id   A
#
loop_
_chem_comp.id
_chem_comp.type
_chem_comp.name
_chem_comp.formula
95K non-polymer 1-(5-azanyl-4~{H}-1,2,4-triazol-3-yl)-~{N}-[2-(4-bromophenyl)ethyl]-~{N}-(2-methylpropyl)piperidin-4-amine 'C19 H29 Br N6'
GOL non-polymer GLYCEROL 'C3 H8 O3'
#
# COMPACT_ATOMS: atom_id res chain seq x y z
N ALA A 1 13.11 10.13 7.48
CA ALA A 1 12.37 8.99 6.93
C ALA A 1 10.87 9.21 7.06
N LYS A 2 10.12 8.66 6.10
CA LYS A 2 8.67 8.63 6.18
C LYS A 2 8.18 7.23 6.49
N LEU A 3 7.06 7.15 7.20
CA LEU A 3 6.31 5.90 7.34
C LEU A 3 4.88 6.23 6.94
N VAL A 4 4.51 5.76 5.75
CA VAL A 4 3.25 6.11 5.10
C VAL A 4 2.30 4.95 5.29
N CYS A 5 1.20 5.17 6.00
CA CYS A 5 0.29 4.06 6.31
C CYS A 5 -1.09 4.28 5.76
N TYR A 6 -1.65 3.24 5.15
CA TYR A 6 -3.01 3.33 4.60
C TYR A 6 -4.07 2.84 5.55
N PHE A 7 -5.11 3.67 5.67
CA PHE A 7 -6.37 3.34 6.34
C PHE A 7 -7.34 2.96 5.25
N THR A 8 -8.21 1.99 5.52
CA THR A 8 -9.22 1.61 4.54
C THR A 8 -10.62 1.82 5.11
N ASN A 9 -11.49 2.41 4.29
CA ASN A 9 -12.82 2.77 4.77
C ASN A 9 -13.86 1.65 4.71
N TRP A 10 -13.41 0.44 4.41
CA TRP A 10 -14.30 -0.73 4.45
C TRP A 10 -13.93 -1.68 5.59
N ALA A 11 -12.82 -1.41 6.29
CA ALA A 11 -12.42 -2.26 7.40
C ALA A 11 -13.43 -2.15 8.55
N GLN A 12 -14.19 -1.07 8.55
CA GLN A 12 -15.24 -0.87 9.54
C GLN A 12 -16.35 -1.92 9.48
N TYR A 13 -16.39 -2.70 8.41
CA TYR A 13 -17.44 -3.70 8.24
C TYR A 13 -17.00 -5.09 8.62
N ARG A 14 -15.75 -5.26 9.02
CA ARG A 14 -15.32 -6.59 9.46
C ARG A 14 -15.91 -6.91 10.82
N GLN A 15 -16.05 -8.18 11.12
CA GLN A 15 -16.76 -8.59 12.33
C GLN A 15 -15.82 -8.74 13.52
N GLY A 16 -16.39 -8.65 14.72
CA GLY A 16 -15.64 -8.88 15.94
C GLY A 16 -14.40 -8.02 16.11
N GLU A 17 -13.31 -8.64 16.55
CA GLU A 17 -12.10 -7.90 16.87
C GLU A 17 -11.41 -7.34 15.65
N ALA A 18 -11.80 -7.81 14.46
CA ALA A 18 -11.19 -7.35 13.22
C ALA A 18 -11.77 -6.01 12.75
N ARG A 19 -12.86 -5.57 13.36
CA ARG A 19 -13.46 -4.31 12.95
C ARG A 19 -12.51 -3.16 13.24
N PHE A 20 -12.30 -2.29 12.26
N PHE A 20 -12.28 -2.30 12.27
CA PHE A 20 -11.35 -1.19 12.40
CA PHE A 20 -11.33 -1.20 12.42
C PHE A 20 -12.03 0.16 12.15
C PHE A 20 -11.98 0.16 12.13
N LEU A 21 -11.81 1.12 13.05
CA LEU A 21 -12.33 2.47 12.87
C LEU A 21 -11.21 3.46 13.21
N PRO A 22 -11.39 4.75 12.89
CA PRO A 22 -10.34 5.72 13.24
C PRO A 22 -9.91 5.70 14.72
N LYS A 23 -10.80 5.34 15.62
CA LYS A 23 -10.48 5.11 17.03
C LYS A 23 -9.31 4.14 17.26
N ASP A 24 -9.16 3.18 16.37
CA ASP A 24 -8.08 2.21 16.45
C ASP A 24 -6.80 2.75 15.86
N LEU A 25 -6.86 3.97 15.33
CA LEU A 25 -5.68 4.59 14.77
C LEU A 25 -4.83 5.18 15.89
N ASP A 26 -3.52 4.99 15.76
CA ASP A 26 -2.55 5.58 16.65
C ASP A 26 -1.98 6.82 15.97
N PRO A 27 -2.20 8.02 16.55
CA PRO A 27 -1.77 9.26 15.88
C PRO A 27 -0.25 9.37 15.69
N SER A 28 0.53 8.61 16.45
CA SER A 28 1.98 8.75 16.37
C SER A 28 2.68 7.50 15.83
N LEU A 29 1.91 6.57 15.28
CA LEU A 29 2.50 5.37 14.68
C LEU A 29 3.21 5.68 13.36
N CYS A 30 2.60 6.52 12.54
CA CYS A 30 3.09 6.81 11.19
C CYS A 30 3.35 8.30 11.03
N THR A 31 4.09 8.65 9.99
CA THR A 31 4.32 10.07 9.70
C THR A 31 3.25 10.62 8.77
N HIS A 32 2.72 9.75 7.91
CA HIS A 32 1.71 10.13 6.93
C HIS A 32 0.64 9.05 6.96
N LEU A 33 -0.62 9.46 7.02
CA LEU A 33 -1.73 8.52 6.95
C LEU A 33 -2.50 8.81 5.68
N ILE A 34 -2.77 7.76 4.92
CA ILE A 34 -3.49 7.92 3.65
C ILE A 34 -4.82 7.18 3.72
N TYR A 35 -5.89 7.88 3.40
CA TYR A 35 -7.25 7.37 3.50
C TYR A 35 -7.68 6.74 2.17
N ALA A 36 -7.92 5.43 2.18
CA ALA A 36 -8.34 4.71 0.98
C ALA A 36 -9.82 4.35 1.11
N PHE A 37 -10.67 4.63 0.12
CA PHE A 37 -10.41 5.39 -1.10
C PHE A 37 -11.54 6.39 -1.31
N ALA A 38 -11.22 7.48 -1.99
CA ALA A 38 -12.21 8.36 -2.57
C ALA A 38 -12.51 7.91 -4.00
N GLY A 39 -13.59 8.43 -4.54
CA GLY A 39 -13.99 8.15 -5.90
C GLY A 39 -14.15 9.42 -6.70
N MET A 40 -14.96 9.35 -7.73
CA MET A 40 -15.13 10.45 -8.66
C MET A 40 -16.54 10.43 -9.21
N THR A 41 -17.16 11.62 -9.28
CA THR A 41 -18.49 11.76 -9.82
C THR A 41 -18.48 13.00 -10.71
N ASN A 42 -18.83 12.82 -11.99
CA ASN A 42 -18.80 13.93 -12.94
C ASN A 42 -17.45 14.67 -12.91
N HIS A 43 -16.38 13.89 -12.87
CA HIS A 43 -14.99 14.39 -12.89
C HIS A 43 -14.59 15.12 -11.62
N GLN A 44 -15.34 14.96 -10.53
CA GLN A 44 -15.05 15.62 -9.26
C GLN A 44 -14.82 14.63 -8.15
N LEU A 45 -13.89 14.95 -7.28
CA LEU A 45 -13.55 14.08 -6.16
C LEU A 45 -14.79 13.86 -5.30
N SER A 46 -15.04 12.62 -4.90
CA SER A 46 -16.23 12.31 -4.12
C SER A 46 -16.00 11.18 -3.12
N THR A 47 -16.87 11.10 -2.12
CA THR A 47 -16.80 10.03 -1.14
C THR A 47 -17.24 8.70 -1.75
N THR A 48 -16.92 7.60 -1.07
CA THR A 48 -17.33 6.26 -1.52
C THR A 48 -18.14 5.49 -0.49
N GLU A 49 -18.06 5.87 0.78
CA GLU A 49 -18.85 5.22 1.82
C GLU A 49 -19.80 6.21 2.48
N TRP A 50 -20.95 5.68 2.91
CA TRP A 50 -22.05 6.46 3.47
C TRP A 50 -21.63 7.34 4.66
N ASN A 51 -20.59 6.94 5.38
CA ASN A 51 -20.13 7.69 6.56
C ASN A 51 -18.73 8.26 6.40
N ASP A 52 -18.25 8.37 5.17
CA ASP A 52 -16.91 8.93 4.96
C ASP A 52 -16.72 10.28 5.65
N GLU A 53 -17.74 11.15 5.57
N GLU A 53 -17.73 11.14 5.61
CA GLU A 53 -17.61 12.49 6.14
CA GLU A 53 -17.50 12.48 6.15
C GLU A 53 -17.38 12.42 7.65
C GLU A 53 -17.42 12.48 7.68
N THR A 54 -18.05 11.48 8.31
CA THR A 54 -17.84 11.27 9.74
C THR A 54 -16.41 10.79 9.99
N LEU A 55 -15.99 9.80 9.21
CA LEU A 55 -14.66 9.23 9.33
C LEU A 55 -13.55 10.23 9.00
N TYR A 56 -13.78 11.10 8.01
CA TYR A 56 -12.79 12.12 7.69
C TYR A 56 -12.50 13.00 8.90
N GLN A 57 -13.54 13.35 9.65
CA GLN A 57 -13.37 14.22 10.82
C GLN A 57 -12.55 13.51 11.89
N GLU A 58 -12.83 12.23 12.10
CA GLU A 58 -12.07 11.48 13.09
C GLU A 58 -10.62 11.29 12.64
N PHE A 59 -10.44 11.00 11.35
CA PHE A 59 -9.14 10.72 10.77
C PHE A 59 -8.26 11.96 10.85
N ASN A 60 -8.76 13.07 10.34
CA ASN A 60 -7.97 14.28 10.34
C ASN A 60 -7.88 14.90 11.73
N GLY A 61 -8.83 14.55 12.60
CA GLY A 61 -8.78 14.95 13.99
C GLY A 61 -7.59 14.38 14.74
N LEU A 62 -6.97 13.33 14.20
CA LEU A 62 -5.77 12.76 14.81
C LEU A 62 -4.65 13.79 14.89
N LYS A 63 -4.68 14.78 13.99
CA LYS A 63 -3.66 15.80 13.97
C LYS A 63 -3.74 16.72 15.19
N LYS A 64 -4.87 16.71 15.89
CA LYS A 64 -4.98 17.44 17.15
C LYS A 64 -4.03 16.84 18.18
N MET A 65 -3.89 15.51 18.14
CA MET A 65 -3.04 14.80 19.09
C MET A 65 -1.58 14.78 18.67
N ASN A 66 -1.36 14.74 17.35
CA ASN A 66 -0.02 14.77 16.79
C ASN A 66 0.02 15.77 15.65
N PRO A 67 0.34 17.04 15.96
CA PRO A 67 0.31 18.10 14.95
C PRO A 67 1.30 17.89 13.81
N LYS A 68 2.30 17.03 14.02
CA LYS A 68 3.29 16.71 12.99
C LYS A 68 2.72 15.83 11.88
N LEU A 69 1.65 15.10 12.20
CA LEU A 69 1.07 14.12 11.29
C LEU A 69 0.53 14.76 10.03
N LYS A 70 0.77 14.12 8.88
CA LYS A 70 0.20 14.57 7.63
C LYS A 70 -0.79 13.55 7.13
N THR A 71 -1.90 14.00 6.57
CA THR A 71 -2.89 13.08 6.02
C THR A 71 -3.09 13.33 4.54
N LEU A 72 -3.39 12.27 3.81
CA LEU A 72 -3.74 12.39 2.40
C LEU A 72 -4.95 11.54 2.13
N LEU A 73 -5.66 11.89 1.06
CA LEU A 73 -6.80 11.13 0.58
C LEU A 73 -6.42 10.45 -0.72
N ALA A 74 -6.61 9.13 -0.79
CA ALA A 74 -6.28 8.37 -1.99
C ALA A 74 -7.51 8.21 -2.86
N ILE A 75 -7.37 8.53 -4.15
CA ILE A 75 -8.47 8.30 -5.09
C ILE A 75 -8.20 7.09 -5.98
N GLY A 76 -9.19 6.22 -6.09
CA GLY A 76 -9.10 5.10 -7.01
C GLY A 76 -9.18 3.75 -6.33
N GLY A 77 -8.15 2.94 -6.52
CA GLY A 77 -8.14 1.59 -5.99
C GLY A 77 -8.50 0.58 -7.04
N TRP A 78 -8.55 -0.68 -6.64
CA TRP A 78 -8.69 -1.78 -7.60
C TRP A 78 -10.10 -2.13 -8.02
N ASN A 79 -11.10 -1.59 -7.32
CA ASN A 79 -12.48 -1.80 -7.76
C ASN A 79 -13.05 -0.57 -8.44
N PHE A 80 -12.24 0.48 -8.54
CA PHE A 80 -12.69 1.73 -9.12
C PHE A 80 -12.78 1.66 -10.64
N GLY A 81 -11.94 0.81 -11.23
CA GLY A 81 -11.84 0.73 -12.67
C GLY A 81 -10.95 1.83 -13.22
N THR A 82 -11.01 1.98 -14.54
CA THR A 82 -10.20 2.99 -15.20
C THR A 82 -11.04 4.05 -15.93
N GLN A 83 -12.28 3.75 -16.30
CA GLN A 83 -13.01 4.63 -17.21
C GLN A 83 -13.16 6.07 -16.70
N LYS A 84 -13.41 6.23 -15.40
CA LYS A 84 -13.59 7.57 -14.85
C LYS A 84 -12.28 8.37 -14.91
N PHE A 85 -11.15 7.71 -14.70
CA PHE A 85 -9.86 8.38 -14.86
C PHE A 85 -9.64 8.75 -16.33
N THR A 86 -9.87 7.78 -17.22
CA THR A 86 -9.70 8.01 -18.66
C THR A 86 -10.53 9.21 -19.13
N ASP A 87 -11.80 9.26 -18.70
CA ASP A 87 -12.70 10.33 -19.12
C ASP A 87 -12.28 11.67 -18.57
N MET A 88 -11.78 11.66 -17.33
CA MET A 88 -11.39 12.89 -16.67
C MET A 88 -10.10 13.47 -17.27
N VAL A 89 -9.13 12.63 -17.61
CA VAL A 89 -7.88 13.14 -18.15
C VAL A 89 -7.95 13.42 -19.65
N ALA A 90 -9.06 13.06 -20.28
CA ALA A 90 -9.18 13.15 -21.74
C ALA A 90 -9.11 14.59 -22.26
N THR A 91 -9.58 15.55 -21.47
CA THR A 91 -9.59 16.95 -21.90
C THR A 91 -9.06 17.87 -20.81
N ALA A 92 -8.55 19.03 -21.22
CA ALA A 92 -8.07 20.03 -20.27
C ALA A 92 -9.20 20.50 -19.35
N ASN A 93 -10.40 20.65 -19.91
CA ASN A 93 -11.56 21.08 -19.15
C ASN A 93 -11.89 20.09 -18.03
N ASN A 94 -11.90 18.80 -18.35
CA ASN A 94 -12.21 17.81 -17.33
C ASN A 94 -11.11 17.73 -16.27
N ARG A 95 -9.85 17.86 -16.68
CA ARG A 95 -8.77 17.86 -15.71
C ARG A 95 -8.89 19.06 -14.78
N GLN A 96 -9.22 20.22 -15.33
CA GLN A 96 -9.39 21.41 -14.50
C GLN A 96 -10.53 21.23 -13.51
N THR A 97 -11.64 20.65 -13.99
CA THR A 97 -12.78 20.35 -13.13
C THR A 97 -12.32 19.47 -11.97
N PHE A 98 -11.56 18.43 -12.28
CA PHE A 98 -11.09 17.53 -11.25
C PHE A 98 -10.13 18.22 -10.28
N VAL A 99 -9.13 18.90 -10.82
CA VAL A 99 -8.12 19.52 -9.99
C VAL A 99 -8.74 20.54 -9.02
N ASN A 100 -9.61 21.40 -9.53
CA ASN A 100 -10.26 22.37 -8.66
C ASN A 100 -11.13 21.70 -7.60
N SER A 101 -11.83 20.63 -7.99
CA SER A 101 -12.65 19.89 -7.03
C SER A 101 -11.79 19.28 -5.94
N ALA A 102 -10.60 18.80 -6.32
CA ALA A 102 -9.71 18.16 -5.35
C ALA A 102 -9.22 19.17 -4.32
N ILE A 103 -8.81 20.35 -4.78
CA ILE A 103 -8.37 21.37 -3.85
C ILE A 103 -9.48 21.72 -2.86
N ARG A 104 -10.68 21.97 -3.38
CA ARG A 104 -11.79 22.36 -2.50
C ARG A 104 -12.12 21.25 -1.51
N PHE A 105 -12.13 20.01 -1.99
CA PHE A 105 -12.51 18.85 -1.17
C PHE A 105 -11.48 18.63 -0.07
N LEU A 106 -10.20 18.64 -0.43
CA LEU A 106 -9.16 18.40 0.56
C LEU A 106 -9.15 19.49 1.62
N ARG A 107 -9.33 20.74 1.20
CA ARG A 107 -9.37 21.83 2.16
C ARG A 107 -10.60 21.75 3.06
N LYS A 108 -11.75 21.43 2.46
CA LYS A 108 -12.99 21.31 3.23
C LYS A 108 -12.85 20.29 4.36
N TYR A 109 -12.23 19.16 4.04
CA TYR A 109 -12.21 18.04 4.98
C TYR A 109 -10.92 17.93 5.78
N SER A 110 -10.00 18.88 5.56
CA SER A 110 -8.75 19.00 6.31
C SER A 110 -7.72 17.90 6.02
N PHE A 111 -7.64 17.51 4.76
CA PHE A 111 -6.56 16.65 4.31
C PHE A 111 -5.36 17.50 3.87
N ASP A 112 -4.17 16.94 4.03
CA ASP A 112 -2.94 17.65 3.62
C ASP A 112 -2.47 17.32 2.22
N GLY A 113 -3.19 16.45 1.50
CA GLY A 113 -2.76 16.10 0.17
C GLY A 113 -3.60 15.04 -0.49
N LEU A 114 -3.25 14.73 -1.73
CA LEU A 114 -3.93 13.76 -2.55
C LEU A 114 -2.96 12.67 -2.98
N ASP A 115 -3.41 11.42 -2.91
CA ASP A 115 -2.66 10.27 -3.38
C ASP A 115 -3.42 9.68 -4.56
N LEU A 116 -2.74 9.51 -5.69
CA LEU A 116 -3.35 8.96 -6.90
C LEU A 116 -3.20 7.44 -6.96
N ASP A 117 -4.32 6.73 -7.02
CA ASP A 117 -4.29 5.27 -7.03
C ASP A 117 -5.08 4.71 -8.22
N TRP A 118 -4.75 5.20 -9.40
CA TRP A 118 -5.31 4.67 -10.64
C TRP A 118 -4.64 3.34 -10.96
N GLU A 119 -5.45 2.30 -11.12
CA GLU A 119 -4.96 0.98 -11.52
C GLU A 119 -5.47 0.60 -12.89
N TYR A 120 -4.78 0.91 -14.00
CA TYR A 120 -3.56 1.70 -14.06
C TYR A 120 -3.67 2.43 -15.40
N PRO A 121 -3.04 3.61 -15.53
CA PRO A 121 -3.06 4.23 -16.86
C PRO A 121 -2.40 3.31 -17.90
N GLY A 122 -3.05 3.15 -19.04
CA GLY A 122 -2.50 2.35 -20.12
C GLY A 122 -2.69 0.85 -20.01
N SER A 123 -3.31 0.40 -18.92
CA SER A 123 -3.56 -1.01 -18.69
C SER A 123 -4.99 -1.23 -18.23
N GLN A 124 -5.41 -2.50 -18.14
CA GLN A 124 -6.71 -2.87 -17.59
C GLN A 124 -7.88 -2.19 -18.31
N GLY A 125 -7.70 -1.89 -19.59
CA GLY A 125 -8.77 -1.29 -20.37
C GLY A 125 -8.52 0.18 -20.69
N SER A 126 -7.60 0.80 -19.97
CA SER A 126 -7.24 2.18 -20.23
C SER A 126 -6.36 2.26 -21.48
N PRO A 127 -6.67 3.21 -22.39
CA PRO A 127 -5.96 3.31 -23.66
C PRO A 127 -4.52 3.82 -23.50
N ALA A 128 -3.69 3.59 -24.51
CA ALA A 128 -2.27 3.93 -24.46
C ALA A 128 -2.03 5.43 -24.23
N VAL A 129 -2.94 6.26 -24.73
CA VAL A 129 -2.80 7.70 -24.58
C VAL A 129 -2.84 8.13 -23.11
N ASP A 130 -3.36 7.27 -22.24
CA ASP A 130 -3.45 7.63 -20.83
C ASP A 130 -2.08 7.70 -20.15
N LYS A 131 -1.06 7.12 -20.76
CA LYS A 131 0.28 7.24 -20.22
C LYS A 131 0.70 8.71 -20.17
N GLU A 132 0.65 9.38 -21.32
CA GLU A 132 1.00 10.78 -21.34
C GLU A 132 -0.03 11.66 -20.63
N ARG A 133 -1.30 11.25 -20.68
CA ARG A 133 -2.35 12.02 -20.00
C ARG A 133 -2.22 11.93 -18.48
N PHE A 134 -1.74 10.79 -17.98
CA PHE A 134 -1.46 10.69 -16.56
C PHE A 134 -0.33 11.66 -16.17
N THR A 135 0.70 11.73 -17.01
CA THR A 135 1.78 12.68 -16.76
C THR A 135 1.21 14.09 -16.68
N THR A 136 0.32 14.43 -17.61
CA THR A 136 -0.30 15.74 -17.63
C THR A 136 -1.13 15.99 -16.38
N LEU A 137 -1.91 14.99 -15.98
CA LEU A 137 -2.70 15.11 -14.76
C LEU A 137 -1.81 15.40 -13.54
N VAL A 138 -0.72 14.64 -13.40
CA VAL A 138 0.19 14.84 -12.29
C VAL A 138 0.74 16.27 -12.31
N GLN A 139 1.14 16.72 -13.50
CA GLN A 139 1.65 18.09 -13.66
C GLN A 139 0.58 19.13 -13.31
N ASP A 140 -0.65 18.91 -13.78
CA ASP A 140 -1.75 19.83 -13.50
C ASP A 140 -1.99 19.96 -12.00
N LEU A 141 -2.00 18.82 -11.31
CA LEU A 141 -2.22 18.83 -9.86
C LEU A 141 -1.09 19.53 -9.13
N ALA A 142 0.16 19.17 -9.47
CA ALA A 142 1.31 19.77 -8.82
C ALA A 142 1.31 21.29 -9.01
N ASN A 143 1.05 21.73 -10.24
CA ASN A 143 1.03 23.16 -10.52
C ASN A 143 -0.10 23.88 -9.79
N ALA A 144 -1.28 23.26 -9.75
CA ALA A 144 -2.41 23.89 -9.09
C ALA A 144 -2.24 23.92 -7.57
N PHE A 145 -1.63 22.88 -7.01
CA PHE A 145 -1.37 22.87 -5.58
C PHE A 145 -0.37 23.98 -5.23
N GLN A 146 0.64 24.14 -6.07
CA GLN A 146 1.63 25.20 -5.86
C GLN A 146 0.96 26.57 -5.90
N GLN A 147 0.08 26.77 -6.87
CA GLN A 147 -0.60 28.05 -7.03
C GLN A 147 -1.52 28.33 -5.85
N GLU A 148 -2.23 27.30 -5.38
CA GLU A 148 -3.16 27.49 -4.27
C GLU A 148 -2.43 27.86 -2.99
N ALA A 149 -1.24 27.29 -2.78
CA ALA A 149 -0.42 27.61 -1.62
C ALA A 149 -0.02 29.08 -1.67
N GLN A 150 0.32 29.54 -2.86
CA GLN A 150 0.73 30.93 -3.06
C GLN A 150 -0.38 31.90 -2.76
N THR A 151 -1.55 31.66 -3.35
CA THR A 151 -2.67 32.59 -3.25
C THR A 151 -3.30 32.56 -1.86
N SER A 152 -3.27 31.39 -1.21
CA SER A 152 -3.95 31.22 0.07
C SER A 152 -3.03 31.44 1.27
N GLY A 153 -1.73 31.28 1.06
CA GLY A 153 -0.77 31.40 2.14
C GLY A 153 -0.68 30.15 3.00
N LYS A 154 -1.49 29.14 2.66
CA LYS A 154 -1.48 27.88 3.39
C LYS A 154 -0.36 26.97 2.94
N GLU A 155 -0.03 26.00 3.80
CA GLU A 155 0.94 24.96 3.48
C GLU A 155 0.48 24.19 2.24
N ARG A 156 1.38 24.05 1.27
CA ARG A 156 1.03 23.44 -0.01
C ARG A 156 0.52 22.00 0.17
N LEU A 157 -0.59 21.69 -0.49
CA LEU A 157 -1.10 20.33 -0.55
C LEU A 157 -0.06 19.39 -1.16
N LEU A 158 0.08 18.21 -0.57
CA LEU A 158 1.01 17.20 -1.06
C LEU A 158 0.37 16.39 -2.18
N LEU A 159 1.20 15.89 -3.08
CA LEU A 159 0.75 14.99 -4.13
C LEU A 159 1.62 13.75 -4.17
N SER A 160 1.00 12.58 -4.03
CA SER A 160 1.71 11.33 -4.14
C SER A 160 0.98 10.42 -5.09
N ALA A 161 1.59 9.30 -5.45
CA ALA A 161 0.93 8.30 -6.27
C ALA A 161 1.37 6.93 -5.82
N ALA A 162 0.44 5.99 -5.87
CA ALA A 162 0.72 4.58 -5.62
C ALA A 162 0.97 3.94 -6.97
N VAL A 163 2.16 3.37 -7.15
CA VAL A 163 2.61 2.94 -8.47
C VAL A 163 2.96 1.45 -8.47
N PRO A 164 2.76 0.78 -9.61
CA PRO A 164 2.98 -0.66 -9.69
C PRO A 164 4.45 -1.04 -9.79
N ALA A 165 4.72 -2.27 -9.39
CA ALA A 165 6.05 -2.84 -9.41
C ALA A 165 6.38 -3.59 -10.71
N GLY A 166 5.35 -4.05 -11.42
CA GLY A 166 5.57 -4.89 -12.59
C GLY A 166 5.85 -4.10 -13.83
N GLN A 167 6.90 -4.49 -14.55
CA GLN A 167 7.36 -3.73 -15.72
C GLN A 167 6.31 -3.52 -16.79
N THR A 168 5.42 -4.49 -16.97
CA THR A 168 4.38 -4.35 -17.99
C THR A 168 3.50 -3.14 -17.67
N TYR A 169 3.09 -3.00 -16.41
CA TYR A 169 2.28 -1.86 -16.02
C TYR A 169 3.07 -0.57 -16.03
N VAL A 170 4.32 -0.63 -15.58
CA VAL A 170 5.14 0.58 -15.51
C VAL A 170 5.33 1.16 -16.90
N ASP A 171 5.68 0.30 -17.85
CA ASP A 171 5.96 0.79 -19.19
C ASP A 171 4.71 1.22 -19.93
N ALA A 172 3.56 0.61 -19.62
CA ALA A 172 2.33 0.99 -20.29
C ALA A 172 1.78 2.33 -19.80
N GLY A 173 2.12 2.72 -18.57
CA GLY A 173 1.43 3.86 -17.99
C GLY A 173 2.22 5.01 -17.39
N TYR A 174 3.52 4.83 -17.18
CA TYR A 174 4.24 5.75 -16.30
C TYR A 174 5.50 6.31 -16.92
N GLU A 175 5.47 7.61 -17.19
CA GLU A 175 6.68 8.30 -17.60
C GLU A 175 7.42 8.66 -16.32
N VAL A 176 8.19 7.70 -15.82
CA VAL A 176 8.72 7.74 -14.47
C VAL A 176 9.50 9.01 -14.15
N ASP A 177 10.43 9.38 -15.03
CA ASP A 177 11.28 10.52 -14.76
C ASP A 177 10.47 11.82 -14.71
N LYS A 178 9.43 11.91 -15.53
CA LYS A 178 8.60 13.10 -15.58
C LYS A 178 7.72 13.21 -14.34
N ILE A 179 7.00 12.15 -14.01
CA ILE A 179 6.07 12.23 -12.89
C ILE A 179 6.83 12.38 -11.57
N ALA A 180 8.00 11.76 -11.46
CA ALA A 180 8.76 11.83 -10.22
C ALA A 180 9.13 13.27 -9.85
N GLN A 181 9.32 14.11 -10.86
CA GLN A 181 9.65 15.51 -10.61
C GLN A 181 8.49 16.26 -9.97
N ASN A 182 7.25 15.85 -10.27
CA ASN A 182 6.07 16.56 -9.80
C ASN A 182 5.41 15.96 -8.57
N LEU A 183 5.74 14.71 -8.25
CA LEU A 183 5.20 14.06 -7.06
C LEU A 183 6.07 14.38 -5.86
N ASP A 184 5.44 14.61 -4.71
CA ASP A 184 6.19 14.77 -3.48
C ASP A 184 6.83 13.44 -3.04
N PHE A 185 6.12 12.35 -3.23
CA PHE A 185 6.69 11.03 -3.01
C PHE A 185 5.92 9.99 -3.80
N VAL A 186 6.56 8.83 -3.96
CA VAL A 186 6.09 7.76 -4.82
C VAL A 186 5.94 6.51 -3.97
N ASN A 187 4.70 6.04 -3.84
CA ASN A 187 4.39 4.90 -2.99
C ASN A 187 4.44 3.63 -3.84
N LEU A 188 5.56 2.91 -3.74
CA LEU A 188 5.79 1.74 -4.58
C LEU A 188 5.06 0.54 -4.04
N MET A 189 4.14 0.02 -4.83
CA MET A 189 3.33 -1.13 -4.40
C MET A 189 4.10 -2.43 -4.56
N ALA A 190 5.05 -2.62 -3.66
CA ALA A 190 5.98 -3.73 -3.72
C ALA A 190 5.38 -4.98 -3.07
N TYR A 191 4.29 -5.43 -3.65
CA TYR A 191 3.54 -6.58 -3.18
C TYR A 191 2.59 -7.00 -4.30
N ASP A 192 1.78 -8.03 -4.08
CA ASP A 192 1.00 -8.65 -5.14
C ASP A 192 1.89 -9.10 -6.31
N PHE A 193 3.12 -9.51 -6.01
CA PHE A 193 4.01 -10.02 -7.06
C PHE A 193 3.57 -11.38 -7.57
N HIS A 194 2.97 -12.17 -6.69
CA HIS A 194 2.50 -13.51 -7.00
C HIS A 194 1.22 -13.70 -6.24
N GLY A 195 0.40 -14.65 -6.69
CA GLY A 195 -0.86 -14.88 -6.01
C GLY A 195 -1.59 -15.98 -6.73
N SER A 196 -2.80 -16.26 -6.26
CA SER A 196 -3.50 -17.47 -6.65
C SER A 196 -3.99 -17.47 -8.08
N TRP A 197 -3.86 -16.33 -8.78
CA TRP A 197 -4.14 -16.32 -10.21
C TRP A 197 -3.11 -17.16 -10.97
N GLU A 198 -1.96 -17.41 -10.35
CA GLU A 198 -0.91 -18.25 -10.92
C GLU A 198 -1.09 -19.71 -10.52
N LYS A 199 -0.55 -20.62 -11.33
CA LYS A 199 -0.77 -22.06 -11.18
C LYS A 199 0.20 -22.74 -10.23
N VAL A 200 1.13 -21.98 -9.68
CA VAL A 200 2.09 -22.51 -8.71
C VAL A 200 2.21 -21.51 -7.58
N THR A 201 2.63 -21.99 -6.40
CA THR A 201 2.80 -21.08 -5.28
C THR A 201 3.93 -20.10 -5.55
N GLY A 202 3.80 -18.91 -4.99
CA GLY A 202 4.80 -17.88 -5.13
C GLY A 202 4.49 -16.86 -4.05
N HIS A 203 5.50 -16.12 -3.63
CA HIS A 203 5.35 -15.20 -2.51
C HIS A 203 4.79 -13.85 -2.93
N ASN A 204 3.86 -13.32 -2.13
CA ASN A 204 3.30 -12.00 -2.30
C ASN A 204 4.34 -10.90 -2.48
N SER A 205 5.44 -11.00 -1.76
CA SER A 205 6.35 -9.88 -1.65
C SER A 205 7.79 -10.32 -1.33
N PRO A 206 8.42 -11.04 -2.27
CA PRO A 206 9.79 -11.52 -2.00
C PRO A 206 10.78 -10.39 -2.20
N LEU A 207 11.84 -10.36 -1.40
CA LEU A 207 12.82 -9.29 -1.52
C LEU A 207 13.71 -9.44 -2.75
N TYR A 208 14.10 -10.69 -3.05
CA TYR A 208 15.00 -10.99 -4.16
C TYR A 208 14.41 -12.12 -4.99
N LYS A 209 15.00 -12.38 -6.14
CA LYS A 209 14.57 -13.51 -6.97
C LYS A 209 14.99 -14.83 -6.34
N ARG A 210 14.32 -15.91 -6.76
CA ARG A 210 14.77 -17.27 -6.48
C ARG A 210 15.80 -17.65 -7.53
N GLN A 211 16.79 -18.46 -7.14
CA GLN A 211 17.83 -18.85 -8.07
C GLN A 211 17.26 -19.47 -9.35
N GLU A 212 16.16 -20.21 -9.21
CA GLU A 212 15.57 -20.94 -10.34
C GLU A 212 14.92 -20.04 -11.37
N GLU A 213 14.54 -18.84 -10.97
CA GLU A 213 13.77 -17.94 -11.83
C GLU A 213 14.58 -17.41 -13.00
N SER A 214 13.89 -17.11 -14.09
CA SER A 214 14.52 -16.50 -15.26
C SER A 214 13.50 -15.61 -15.94
N GLY A 215 13.93 -14.97 -17.03
CA GLY A 215 13.04 -14.12 -17.79
C GLY A 215 12.38 -13.04 -16.95
N ALA A 216 11.16 -12.67 -17.33
CA ALA A 216 10.43 -11.61 -16.64
C ALA A 216 10.19 -11.97 -15.18
N ALA A 217 10.04 -13.27 -14.90
CA ALA A 217 9.81 -13.70 -13.53
C ALA A 217 10.91 -13.24 -12.56
N ALA A 218 12.13 -13.13 -13.08
CA ALA A 218 13.25 -12.75 -12.24
C ALA A 218 13.22 -11.28 -11.79
N SER A 219 12.27 -10.50 -12.31
CA SER A 219 12.10 -9.12 -11.88
C SER A 219 10.90 -8.95 -10.93
N LEU A 220 10.21 -10.05 -10.62
CA LEU A 220 9.03 -10.00 -9.75
C LEU A 220 9.45 -10.11 -8.29
N ASN A 221 10.17 -9.09 -7.84
CA ASN A 221 10.62 -9.03 -6.46
C ASN A 221 10.91 -7.58 -6.10
N VAL A 222 10.97 -7.32 -4.80
CA VAL A 222 11.09 -5.96 -4.28
C VAL A 222 12.35 -5.25 -4.79
N ASP A 223 13.48 -5.94 -4.76
CA ASP A 223 14.74 -5.32 -5.17
C ASP A 223 14.68 -4.89 -6.64
N ALA A 224 14.17 -5.77 -7.50
CA ALA A 224 14.07 -5.43 -8.90
C ALA A 224 13.11 -4.26 -9.12
N ALA A 225 12.01 -4.23 -8.37
CA ALA A 225 11.03 -3.16 -8.50
C ALA A 225 11.60 -1.82 -8.07
N VAL A 226 12.34 -1.82 -6.96
CA VAL A 226 12.97 -0.62 -6.46
C VAL A 226 14.00 -0.11 -7.48
N GLN A 227 14.86 -1.01 -7.94
CA GLN A 227 15.87 -0.63 -8.92
C GLN A 227 15.22 -0.11 -10.20
N GLN A 228 14.12 -0.73 -10.61
CA GLN A 228 13.40 -0.28 -11.79
C GLN A 228 12.99 1.19 -11.67
N TRP A 229 12.35 1.53 -10.55
CA TRP A 229 11.88 2.90 -10.34
C TRP A 229 13.02 3.89 -10.15
N LEU A 230 14.10 3.46 -9.51
CA LEU A 230 15.27 4.35 -9.39
C LEU A 230 15.92 4.58 -10.74
N GLN A 231 16.16 3.51 -11.49
CA GLN A 231 16.89 3.62 -12.74
C GLN A 231 16.09 4.40 -13.79
N LYS A 232 14.76 4.31 -13.70
CA LYS A 232 13.90 5.05 -14.62
C LYS A 232 13.70 6.52 -14.22
N GLY A 233 14.30 6.93 -13.10
CA GLY A 233 14.41 8.35 -12.79
C GLY A 233 13.77 8.84 -11.50
N THR A 234 13.36 7.94 -10.61
CA THR A 234 12.81 8.40 -9.34
C THR A 234 13.94 8.68 -8.38
N PRO A 235 14.01 9.91 -7.85
CA PRO A 235 15.02 10.17 -6.81
C PRO A 235 14.79 9.24 -5.64
N ALA A 236 15.87 8.69 -5.09
CA ALA A 236 15.73 7.72 -4.02
C ALA A 236 14.94 8.28 -2.84
N SER A 237 15.17 9.55 -2.53
CA SER A 237 14.51 10.19 -1.40
C SER A 237 12.98 10.27 -1.57
N LYS A 238 12.50 10.19 -2.81
CA LYS A 238 11.07 10.24 -3.09
C LYS A 238 10.43 8.86 -3.18
N LEU A 239 11.24 7.81 -3.25
CA LEU A 239 10.70 6.48 -3.41
C LEU A 239 10.43 5.87 -2.04
N ILE A 240 9.18 5.50 -1.82
CA ILE A 240 8.74 4.97 -0.54
C ILE A 240 8.38 3.51 -0.75
N LEU A 241 9.04 2.62 -0.04
CA LEU A 241 8.91 1.19 -0.28
C LEU A 241 7.68 0.58 0.40
N GLY A 242 6.71 0.12 -0.40
CA GLY A 242 5.55 -0.57 0.14
C GLY A 242 5.88 -1.88 0.84
N MET A 243 5.11 -2.14 1.90
CA MET A 243 5.27 -3.29 2.78
C MET A 243 3.86 -3.82 3.04
N PRO A 244 3.65 -5.13 2.85
CA PRO A 244 2.30 -5.69 3.05
C PRO A 244 2.11 -6.29 4.43
N THR A 245 1.05 -5.91 5.12
CA THR A 245 0.68 -6.58 6.37
C THR A 245 -0.36 -7.65 6.10
N TYR A 246 -0.25 -8.26 4.93
CA TYR A 246 -1.11 -9.34 4.52
C TYR A 246 -0.29 -10.33 3.72
N GLY A 247 -0.86 -11.50 3.49
CA GLY A 247 -0.24 -12.51 2.66
C GLY A 247 -1.18 -12.99 1.59
N ARG A 248 -0.65 -13.79 0.67
N ARG A 248 -0.64 -13.84 0.72
CA ARG A 248 -1.48 -14.38 -0.37
CA ARG A 248 -1.44 -14.43 -0.34
C ARG A 248 -1.41 -15.90 -0.32
C ARG A 248 -1.41 -15.93 -0.24
N SER A 249 -2.58 -16.52 -0.37
CA SER A 249 -2.77 -17.93 -0.10
C SER A 249 -3.15 -18.72 -1.34
N PHE A 250 -2.82 -20.00 -1.29
CA PHE A 250 -3.07 -20.94 -2.36
C PHE A 250 -3.63 -22.22 -1.76
N THR A 251 -4.47 -22.89 -2.54
CA THR A 251 -4.76 -24.30 -2.29
C THR A 251 -3.78 -25.11 -3.11
N LEU A 252 -3.03 -25.98 -2.43
CA LEU A 252 -2.04 -26.84 -3.08
C LEU A 252 -2.72 -27.98 -3.81
N ALA A 253 -2.16 -28.37 -4.95
CA ALA A 253 -2.63 -29.57 -5.65
C ALA A 253 -2.41 -30.81 -4.78
N SER A 254 -1.35 -30.80 -4.00
CA SER A 254 -1.07 -31.91 -3.09
C SER A 254 -0.43 -31.40 -1.81
N SER A 255 -0.92 -31.89 -0.68
CA SER A 255 -0.36 -31.54 0.61
C SER A 255 1.07 -32.05 0.76
N SER A 256 1.49 -32.94 -0.14
CA SER A 256 2.84 -33.50 -0.08
C SER A 256 3.88 -32.65 -0.82
N ASP A 257 3.44 -31.62 -1.53
CA ASP A 257 4.38 -30.70 -2.17
C ASP A 257 4.05 -29.29 -1.74
N THR A 258 4.85 -28.78 -0.80
CA THR A 258 4.62 -27.49 -0.18
C THR A 258 5.73 -26.50 -0.51
N ARG A 259 6.53 -26.80 -1.53
CA ARG A 259 7.60 -25.91 -1.94
C ARG A 259 7.06 -24.61 -2.52
N VAL A 260 7.89 -23.57 -2.50
CA VAL A 260 7.65 -22.44 -3.38
C VAL A 260 7.71 -22.97 -4.81
N GLY A 261 6.74 -22.62 -5.64
CA GLY A 261 6.66 -23.14 -6.99
C GLY A 261 5.93 -24.47 -7.13
N ALA A 262 5.36 -24.97 -6.03
CA ALA A 262 4.56 -26.20 -6.08
C ALA A 262 3.24 -25.93 -6.79
N PRO A 263 2.68 -26.97 -7.44
CA PRO A 263 1.40 -26.79 -8.13
C PRO A 263 0.26 -26.40 -7.18
N ALA A 264 -0.57 -25.48 -7.66
CA ALA A 264 -1.71 -24.99 -6.90
C ALA A 264 -2.96 -25.10 -7.76
N THR A 265 -4.09 -25.36 -7.12
CA THR A 265 -5.36 -25.47 -7.84
C THR A 265 -6.22 -24.22 -7.76
N GLY A 266 -5.82 -23.25 -6.96
CA GLY A 266 -6.60 -22.03 -6.84
C GLY A 266 -6.28 -21.27 -5.58
N SER A 267 -7.17 -20.36 -5.20
CA SER A 267 -6.97 -19.54 -4.02
C SER A 267 -7.01 -20.38 -2.75
N GLY A 268 -6.32 -19.90 -1.72
CA GLY A 268 -6.49 -20.48 -0.41
C GLY A 268 -7.87 -20.20 0.13
N THR A 269 -8.27 -21.00 1.12
CA THR A 269 -9.50 -20.79 1.85
C THR A 269 -9.57 -19.37 2.41
N PRO A 270 -10.75 -18.72 2.31
CA PRO A 270 -10.88 -17.36 2.86
C PRO A 270 -10.60 -17.32 4.35
N GLY A 271 -10.03 -16.21 4.81
CA GLY A 271 -9.81 -16.02 6.23
C GLY A 271 -11.11 -15.77 6.97
N PRO A 272 -11.11 -16.01 8.28
CA PRO A 272 -12.34 -15.92 9.06
C PRO A 272 -12.86 -14.49 9.21
N PHE A 273 -11.98 -13.51 9.10
CA PHE A 273 -12.38 -12.12 9.22
C PHE A 273 -12.37 -11.38 7.88
N THR A 274 -11.35 -11.63 7.06
CA THR A 274 -11.26 -10.88 5.80
C THR A 274 -12.11 -11.48 4.69
N LYS A 275 -12.38 -12.78 4.78
CA LYS A 275 -13.39 -13.42 3.93
C LYS A 275 -13.17 -13.20 2.44
N GLU A 276 -11.92 -13.35 2.01
CA GLU A 276 -11.57 -13.14 0.61
C GLU A 276 -10.53 -14.17 0.21
N GLY A 277 -10.98 -15.20 -0.50
CA GLY A 277 -10.10 -16.27 -0.90
C GLY A 277 -8.87 -15.76 -1.62
N GLY A 278 -7.70 -16.26 -1.23
CA GLY A 278 -6.46 -15.85 -1.85
C GLY A 278 -5.68 -14.81 -1.06
N MET A 279 -6.33 -14.17 -0.09
N MET A 279 -6.35 -14.19 -0.07
CA MET A 279 -5.66 -13.19 0.76
CA MET A 279 -5.72 -13.17 0.77
C MET A 279 -5.91 -13.50 2.22
C MET A 279 -5.91 -13.51 2.23
N LEU A 280 -4.95 -13.13 3.07
CA LEU A 280 -5.11 -13.23 4.52
C LEU A 280 -4.44 -12.04 5.18
N ALA A 281 -5.08 -11.48 6.20
CA ALA A 281 -4.42 -10.47 7.02
C ALA A 281 -3.30 -11.12 7.84
N TYR A 282 -2.32 -10.32 8.24
CA TYR A 282 -1.28 -10.84 9.12
C TYR A 282 -1.89 -11.52 10.33
N TYR A 283 -2.93 -10.92 10.91
CA TYR A 283 -3.53 -11.50 12.11
C TYR A 283 -4.24 -12.85 11.86
N GLU A 284 -4.42 -13.19 10.59
N GLU A 284 -4.48 -13.19 10.59
CA GLU A 284 -5.07 -14.44 10.22
CA GLU A 284 -5.07 -14.46 10.22
C GLU A 284 -4.05 -15.53 9.90
C GLU A 284 -4.04 -15.54 9.92
N VAL A 285 -2.77 -15.15 9.81
CA VAL A 285 -1.73 -16.12 9.52
C VAL A 285 -0.71 -16.27 10.68
N CYS A 286 -0.62 -15.26 11.52
CA CYS A 286 0.43 -15.19 12.54
C CYS A 286 0.26 -16.24 13.64
N SER A 287 -0.97 -16.71 13.83
CA SER A 287 -1.30 -17.61 14.93
C SER A 287 -2.01 -18.87 14.45
N TRP A 288 -1.70 -19.27 13.22
CA TRP A 288 -2.29 -20.43 12.60
C TRP A 288 -1.88 -21.70 13.35
N LYS A 289 -2.85 -22.40 13.94
CA LYS A 289 -2.57 -23.56 14.78
C LYS A 289 -2.19 -24.76 13.94
N GLY A 290 -1.16 -25.49 14.38
CA GLY A 290 -0.79 -26.74 13.75
C GLY A 290 -0.24 -26.59 12.34
N ALA A 291 0.30 -25.40 12.06
CA ALA A 291 0.87 -25.12 10.76
C ALA A 291 2.40 -25.18 10.82
N THR A 292 3.04 -25.19 9.65
CA THR A 292 4.49 -25.26 9.58
C THR A 292 4.99 -24.00 8.89
N LYS A 293 5.78 -23.21 9.60
CA LYS A 293 6.36 -21.99 9.03
C LYS A 293 7.72 -22.32 8.44
N GLN A 294 8.01 -21.70 7.28
CA GLN A 294 9.23 -21.95 6.53
C GLN A 294 9.76 -20.60 6.07
N ARG A 295 11.00 -20.53 5.65
CA ARG A 295 11.52 -19.31 5.04
C ARG A 295 12.06 -19.63 3.66
N ILE A 296 11.83 -18.73 2.72
CA ILE A 296 12.41 -18.87 1.39
C ILE A 296 13.78 -18.23 1.47
N GLN A 297 14.82 -19.04 1.45
CA GLN A 297 16.15 -18.55 1.76
C GLN A 297 16.63 -17.49 0.78
N ASP A 298 16.38 -17.68 -0.51
CA ASP A 298 16.79 -16.71 -1.52
C ASP A 298 16.05 -15.39 -1.36
N GLN A 299 14.80 -15.46 -0.93
CA GLN A 299 13.89 -14.32 -1.05
C GLN A 299 13.68 -13.57 0.26
N LYS A 300 14.19 -14.13 1.36
CA LYS A 300 14.22 -13.49 2.68
C LYS A 300 12.85 -13.24 3.28
N VAL A 301 11.89 -14.11 2.97
CA VAL A 301 10.53 -13.94 3.46
C VAL A 301 9.96 -15.30 3.83
N PRO A 302 8.97 -15.32 4.74
CA PRO A 302 8.39 -16.59 5.20
C PRO A 302 7.18 -17.05 4.38
N TYR A 303 6.93 -18.34 4.48
CA TYR A 303 5.63 -18.88 4.12
C TYR A 303 5.21 -19.86 5.19
N ILE A 304 3.98 -20.31 5.10
N ILE A 304 3.92 -20.18 5.22
CA ILE A 304 3.46 -21.22 6.10
CA ILE A 304 3.39 -21.19 6.15
C ILE A 304 2.46 -22.11 5.40
C ILE A 304 2.45 -22.10 5.40
N PHE A 305 2.40 -23.37 5.80
CA PHE A 305 1.47 -24.30 5.21
C PHE A 305 0.81 -25.17 6.27
N ARG A 306 -0.35 -25.68 5.93
CA ARG A 306 -1.06 -26.60 6.79
C ARG A 306 -2.00 -27.36 5.88
N ASP A 307 -1.87 -28.69 5.87
CA ASP A 307 -2.63 -29.52 4.96
C ASP A 307 -2.45 -29.00 3.52
N ASN A 308 -3.52 -28.72 2.80
CA ASN A 308 -3.38 -28.25 1.42
C ASN A 308 -3.40 -26.72 1.27
N GLN A 309 -3.12 -26.00 2.35
CA GLN A 309 -3.14 -24.53 2.33
C GLN A 309 -1.73 -24.00 2.47
N TRP A 310 -1.39 -23.00 1.66
CA TRP A 310 -0.04 -22.44 1.60
C TRP A 310 -0.15 -20.94 1.53
N VAL A 311 0.56 -20.23 2.39
CA VAL A 311 0.46 -18.78 2.44
C VAL A 311 1.84 -18.13 2.50
N GLY A 312 2.10 -17.21 1.58
CA GLY A 312 3.30 -16.39 1.64
C GLY A 312 2.94 -15.06 2.29
N PHE A 313 3.70 -14.65 3.28
CA PHE A 313 3.37 -13.44 4.04
C PHE A 313 4.63 -12.77 4.53
N ASP A 314 4.47 -11.65 5.23
CA ASP A 314 5.60 -10.95 5.84
C ASP A 314 5.50 -10.99 7.35
N ASP A 315 6.65 -11.11 8.00
CA ASP A 315 6.70 -11.13 9.44
C ASP A 315 7.64 -10.05 9.96
N VAL A 316 7.84 -10.00 11.27
CA VAL A 316 8.72 -9.01 11.84
C VAL A 316 10.11 -9.08 11.21
N GLU A 317 10.63 -10.30 11.05
CA GLU A 317 11.97 -10.47 10.50
C GLU A 317 12.07 -9.97 9.06
N SER A 318 11.07 -10.26 8.23
CA SER A 318 11.15 -9.81 6.85
C SER A 318 10.99 -8.29 6.75
N PHE A 319 10.15 -7.70 7.60
CA PHE A 319 10.06 -6.25 7.65
C PHE A 319 11.41 -5.63 8.06
N LYS A 320 12.09 -6.23 9.04
CA LYS A 320 13.41 -5.73 9.43
C LYS A 320 14.37 -5.79 8.24
N THR A 321 14.35 -6.92 7.53
CA THR A 321 15.24 -7.09 6.39
C THR A 321 14.94 -6.06 5.30
N LYS A 322 13.67 -5.80 5.05
CA LYS A 322 13.27 -4.86 4.02
C LYS A 322 13.61 -3.42 4.40
N VAL A 323 13.53 -3.09 5.68
CA VAL A 323 13.93 -1.75 6.11
C VAL A 323 15.45 -1.58 5.99
N SER A 324 16.19 -2.63 6.35
N SER A 324 16.19 -2.63 6.35
CA SER A 324 17.63 -2.57 6.18
CA SER A 324 17.64 -2.58 6.18
C SER A 324 17.97 -2.34 4.71
C SER A 324 17.96 -2.34 4.71
N TYR A 325 17.25 -3.05 3.84
CA TYR A 325 17.40 -2.89 2.41
C TYR A 325 17.10 -1.45 1.95
N LEU A 326 15.97 -0.89 2.36
CA LEU A 326 15.60 0.42 1.87
C LEU A 326 16.59 1.48 2.36
N LYS A 327 17.11 1.31 3.56
CA LYS A 327 18.09 2.25 4.08
C LYS A 327 19.39 2.16 3.30
N GLN A 328 19.77 0.95 2.91
CA GLN A 328 20.98 0.75 2.12
C GLN A 328 20.84 1.43 0.75
N LYS A 329 19.61 1.46 0.23
CA LYS A 329 19.36 2.08 -1.06
C LYS A 329 19.06 3.57 -0.94
N GLY A 330 19.02 4.08 0.29
CA GLY A 330 18.76 5.50 0.50
C GLY A 330 17.34 5.95 0.21
N LEU A 331 16.39 5.03 0.32
CA LEU A 331 15.00 5.36 0.00
C LEU A 331 14.39 6.31 1.04
N GLY A 332 13.27 6.93 0.67
CA GLY A 332 12.65 7.94 1.52
C GLY A 332 11.89 7.39 2.71
N GLY A 333 11.66 6.08 2.74
CA GLY A 333 10.96 5.47 3.85
C GLY A 333 10.18 4.26 3.41
N ALA A 334 9.21 3.89 4.24
CA ALA A 334 8.36 2.73 3.99
C ALA A 334 6.91 3.16 3.92
N MET A 335 6.14 2.41 3.14
CA MET A 335 4.70 2.59 3.02
C MET A 335 4.08 1.25 3.40
N VAL A 336 2.88 1.27 3.98
CA VAL A 336 2.29 0.03 4.43
C VAL A 336 0.82 -0.11 4.05
N TRP A 337 0.52 -1.25 3.41
CA TRP A 337 -0.85 -1.65 3.15
C TRP A 337 -1.11 -2.86 4.03
N ALA A 338 -1.91 -2.74 5.11
CA ALA A 338 -2.64 -1.55 5.54
C ALA A 338 -2.77 -1.63 7.06
N LEU A 339 -3.14 -0.51 7.69
CA LEU A 339 -3.27 -0.46 9.15
C LEU A 339 -4.15 -1.59 9.71
N ASP A 340 -5.26 -1.85 9.04
CA ASP A 340 -6.27 -2.76 9.56
C ASP A 340 -5.94 -4.22 9.33
N LEU A 341 -4.85 -4.50 8.62
CA LEU A 341 -4.43 -5.87 8.35
C LEU A 341 -3.28 -6.33 9.27
N ASP A 342 -2.55 -5.38 9.86
CA ASP A 342 -1.64 -5.69 10.96
C ASP A 342 -2.51 -6.13 12.14
N ASP A 343 -1.90 -6.71 13.17
CA ASP A 343 -2.66 -7.01 14.38
C ASP A 343 -2.81 -5.73 15.20
N PHE A 344 -3.70 -4.87 14.74
CA PHE A 344 -3.79 -3.50 15.24
C PHE A 344 -4.23 -3.46 16.70
N ALA A 345 -5.00 -4.46 17.12
CA ALA A 345 -5.50 -4.46 18.50
C ALA A 345 -4.77 -5.47 19.37
N GLY A 346 -3.81 -6.19 18.79
CA GLY A 346 -3.03 -7.17 19.53
C GLY A 346 -3.85 -8.38 19.96
N PHE A 347 -4.89 -8.69 19.20
CA PHE A 347 -5.84 -9.73 19.59
C PHE A 347 -5.46 -11.14 19.13
N SER A 348 -4.44 -11.25 18.26
CA SER A 348 -4.18 -12.53 17.63
C SER A 348 -2.76 -13.05 17.78
N CYS A 349 -1.77 -12.18 17.61
CA CYS A 349 -0.40 -12.64 17.38
C CYS A 349 0.47 -12.72 18.61
N ASN A 350 -0.04 -12.25 19.75
CA ASN A 350 0.72 -12.22 20.99
C ASN A 350 2.01 -11.41 20.85
N GLN A 351 1.94 -10.33 20.06
CA GLN A 351 3.09 -9.46 19.84
C GLN A 351 2.78 -8.02 20.15
N GLY A 352 1.67 -7.78 20.88
CA GLY A 352 1.23 -6.43 21.15
C GLY A 352 0.49 -5.81 19.98
N ARG A 353 0.15 -4.53 20.12
CA ARG A 353 -0.58 -3.82 19.08
C ARG A 353 0.35 -3.45 17.94
N TYR A 354 -0.16 -3.54 16.72
CA TYR A 354 0.59 -3.13 15.53
C TYR A 354 2.03 -3.67 15.48
N PRO A 355 2.20 -5.00 15.61
CA PRO A 355 3.58 -5.49 15.67
C PRO A 355 4.37 -5.24 14.40
N LEU A 356 3.74 -5.39 13.24
CA LEU A 356 4.47 -5.19 12.01
C LEU A 356 4.76 -3.72 11.76
N ILE A 357 3.78 -2.86 11.96
CA ILE A 357 3.99 -1.45 11.67
C ILE A 357 4.91 -0.82 12.74
N GLN A 358 4.81 -1.24 13.99
CA GLN A 358 5.79 -0.78 14.97
C GLN A 358 7.21 -1.21 14.61
N THR A 359 7.35 -2.38 13.99
CA THR A 359 8.66 -2.83 13.54
C THR A 359 9.21 -1.87 12.48
N LEU A 360 8.36 -1.47 11.53
CA LEU A 360 8.78 -0.48 10.56
C LEU A 360 9.22 0.82 11.23
N ARG A 361 8.39 1.33 12.13
CA ARG A 361 8.71 2.60 12.81
C ARG A 361 10.04 2.50 13.55
N GLN A 362 10.23 1.39 14.25
CA GLN A 362 11.45 1.17 15.02
C GLN A 362 12.67 1.13 14.10
N GLU A 363 12.59 0.34 13.05
CA GLU A 363 13.74 0.16 12.16
C GLU A 363 14.07 1.41 11.36
N LEU A 364 13.07 2.28 11.17
CA LEU A 364 13.26 3.56 10.49
C LEU A 364 13.74 4.65 11.45
N SER A 365 13.92 4.29 12.72
CA SER A 365 14.32 5.24 13.76
C SER A 365 13.29 6.36 13.91
N LEU A 366 12.03 5.99 13.89
CA LEU A 366 10.93 6.94 13.96
C LEU A 366 10.12 6.82 15.25
N VAL A 367 10.62 6.07 16.22
CA VAL A 367 9.91 5.99 17.49
C VAL A 367 9.99 7.35 18.19
N PRO A 368 8.83 7.93 18.56
CA PRO A 368 8.88 9.23 19.23
C PRO A 368 9.70 9.16 20.53
N ARG A 369 10.55 10.15 20.77
CA ARG A 369 11.43 10.08 21.92
C ARG A 369 10.67 10.17 23.23
N GLY A 370 9.47 10.75 23.20
CA GLY A 370 8.62 10.82 24.37
C GLY A 370 7.63 9.67 24.46
N SER A 371 7.75 8.70 23.55
CA SER A 371 6.82 7.57 23.51
C SER A 371 6.89 6.72 24.78
N HIS A 372 5.73 6.27 25.26
CA HIS A 372 5.64 5.49 26.49
C HIS A 372 5.25 4.03 26.25
N HIS A 373 4.37 3.80 25.29
CA HIS A 373 3.64 2.53 25.19
C HIS A 373 4.03 1.66 24.00
N HIS A 374 5.10 2.05 23.31
CA HIS A 374 5.55 1.28 22.15
C HIS A 374 6.13 -0.07 22.58
N HIS A 375 6.28 -0.96 21.61
N HIS A 375 6.35 -0.92 21.58
CA HIS A 375 6.84 -2.26 21.86
CA HIS A 375 6.78 -2.29 21.79
C HIS A 375 7.86 -2.55 20.78
C HIS A 375 7.86 -2.60 20.75
N HIS A 376 9.07 -2.90 21.18
CA HIS A 376 10.14 -3.23 20.23
C HIS A 376 10.09 -4.70 19.85
N HIS A 377 10.48 -5.00 18.62
N HIS A 377 10.47 -5.00 18.61
CA HIS A 377 10.46 -6.37 18.13
CA HIS A 377 10.49 -6.37 18.13
C HIS A 377 11.81 -6.78 17.54
C HIS A 377 11.84 -6.71 17.52
BR7 95K B . -7.11 -9.76 3.33
C2 95K B . -6.68 -8.57 1.87
C3 95K B . -5.37 -8.00 1.86
C4 95K B . -5.02 -7.16 0.84
C5 95K B . -5.95 -6.88 -0.16
C6 95K B . -7.26 -7.46 -0.17
C1 95K B . -7.61 -8.31 0.87
C8 95K B . -5.57 -5.94 -1.29
C9 95K B . -4.41 -6.49 -2.20
N10 95K B . -4.26 -5.77 -3.48
C23 95K B . -5.47 -5.93 -4.25
C24 95K B . -5.92 -7.35 -4.60
C26 95K B . -7.31 -7.37 -5.20
C25 95K B . -4.90 -7.93 -5.60
C11 95K B . -4.04 -4.31 -3.25
C16 95K B . -2.89 -4.06 -2.34
C15 95K B . -2.78 -2.59 -2.05
N14 95K B . -2.66 -1.83 -3.29
C13 95K B . -3.69 -2.11 -4.27
C12 95K B . -3.84 -3.58 -4.54
C17 95K B . -2.36 -0.49 -3.09
N21 95K B . -1.29 -0.05 -2.39
C20 95K B . -1.36 1.31 -2.46
N22 95K B . -0.40 2.19 -1.85
N19 95K B . -2.43 1.65 -3.20
N18 95K B . -3.04 0.53 -3.59
C1 GOL C . 1.57 -4.38 -7.73
O1 GOL C . 2.65 -3.49 -7.87
C2 GOL C . 1.75 -5.51 -8.73
O2 GOL C . 3.06 -6.03 -8.62
C3 GOL C . 1.52 -4.88 -10.10
O3 GOL C . 2.77 -4.70 -10.72
#